data_4TRB
#
_entry.id   4TRB
#
_cell.length_a   125.628
_cell.length_b   125.628
_cell.length_c   69.707
_cell.angle_alpha   90.00
_cell.angle_beta   90.00
_cell.angle_gamma   120.00
#
_symmetry.space_group_name_H-M   'P 61'
#
loop_
_entity.id
_entity.type
_entity.pdbx_description
1 polymer 'Purine phosphoribosyltransferase (GpT-1)'
2 non-polymer 'PHOSPHATE ION'
3 water water
#
_entity_poly.entity_id   1
_entity_poly.type   'polypeptide(L)'
_entity_poly.pdbx_seq_one_letter_code
;MQKIPVKVVTWDEIVSLSTKLAEKIKADEYNVNVIVAIARGGLVPARLVADVLGVFDILSIKIEHWIETASHTPEAKVKY
PFKVDLSDKNVLIIDDITDTGDSIELARKYVMENFRPTEVKTATLQYIKPAAKIIPDYYAEEIVSWAWFMYPWNYWEDEI
NLVNKILIERKTKDIDINELKRNFVESYGIENPPISLDKILTEMKRRKIV
;
_entity_poly.pdbx_strand_id   A,B
#
loop_
_chem_comp.id
_chem_comp.type
_chem_comp.name
_chem_comp.formula
PO4 non-polymer 'PHOSPHATE ION' 'O4 P -3'
#
# COMPACT_ATOMS: atom_id res chain seq x y z
N GLN A 2 -8.11 -13.06 27.88
CA GLN A 2 -8.76 -14.31 27.47
C GLN A 2 -9.42 -14.20 26.09
N LYS A 3 -10.67 -13.72 26.05
CA LYS A 3 -11.39 -13.59 24.78
C LYS A 3 -11.32 -12.18 24.17
N ILE A 4 -11.00 -12.10 22.89
CA ILE A 4 -11.00 -10.84 22.14
C ILE A 4 -11.87 -10.94 20.90
N PRO A 5 -12.64 -9.89 20.61
CA PRO A 5 -13.46 -9.83 19.41
C PRO A 5 -12.55 -9.58 18.19
N VAL A 6 -12.43 -10.56 17.30
CA VAL A 6 -11.54 -10.42 16.15
C VAL A 6 -12.24 -10.70 14.82
N LYS A 7 -12.31 -9.66 13.97
CA LYS A 7 -12.82 -9.82 12.59
C LYS A 7 -11.64 -9.85 11.60
N VAL A 8 -11.56 -10.91 10.81
CA VAL A 8 -10.58 -11.00 9.73
C VAL A 8 -11.14 -10.28 8.51
N VAL A 9 -10.49 -9.18 8.11
CA VAL A 9 -10.89 -8.43 6.91
C VAL A 9 -10.18 -9.00 5.67
N THR A 10 -10.93 -9.30 4.62
CA THR A 10 -10.34 -9.83 3.41
C THR A 10 -9.93 -8.71 2.48
N TRP A 11 -9.16 -9.07 1.46
CA TRP A 11 -8.79 -8.14 0.42
C TRP A 11 -10.03 -7.51 -0.26
N ASP A 12 -11.02 -8.35 -0.59
CA ASP A 12 -12.24 -7.89 -1.25
C ASP A 12 -12.97 -6.83 -0.43
N GLU A 13 -13.00 -7.03 0.86
CA GLU A 13 -13.62 -6.04 1.73
C GLU A 13 -12.80 -4.75 1.73
N ILE A 14 -11.48 -4.87 1.67
CA ILE A 14 -10.64 -3.70 1.61
C ILE A 14 -10.94 -2.88 0.34
N VAL A 15 -11.03 -3.59 -0.78
CA VAL A 15 -11.46 -3.02 -2.04
C VAL A 15 -12.82 -2.32 -1.90
N SER A 16 -13.81 -3.02 -1.34
CA SER A 16 -15.14 -2.42 -1.18
C SER A 16 -15.07 -1.13 -0.38
N LEU A 17 -14.45 -1.20 0.79
CA LEU A 17 -14.33 -0.05 1.66
C LEU A 17 -13.59 1.11 0.98
N SER A 18 -12.48 0.79 0.32
CA SER A 18 -11.67 1.80 -0.35
C SER A 18 -12.46 2.49 -1.45
N THR A 19 -13.18 1.68 -2.24
CA THR A 19 -13.98 2.18 -3.34
C THR A 19 -15.14 3.03 -2.83
N LYS A 20 -15.78 2.57 -1.76
CA LYS A 20 -16.84 3.33 -1.11
C LYS A 20 -16.33 4.68 -0.59
N LEU A 21 -15.16 4.67 0.03
CA LEU A 21 -14.58 5.92 0.53
C LEU A 21 -14.34 6.89 -0.65
N ALA A 22 -13.62 6.43 -1.66
CA ALA A 22 -13.37 7.23 -2.86
C ALA A 22 -14.64 7.84 -3.45
N GLU A 23 -15.70 7.04 -3.54
CA GLU A 23 -16.98 7.50 -4.09
C GLU A 23 -17.63 8.65 -3.31
N LYS A 24 -17.43 8.67 -1.98
CA LYS A 24 -17.91 9.78 -1.18
C LYS A 24 -17.14 11.04 -1.56
N ILE A 25 -15.86 10.88 -1.83
CA ILE A 25 -15.01 12.00 -2.14
C ILE A 25 -15.34 12.53 -3.55
N LYS A 26 -15.58 11.62 -4.49
CA LYS A 26 -16.09 12.01 -5.81
C LYS A 26 -17.38 12.82 -5.66
N ALA A 27 -18.30 12.29 -4.86
CA ALA A 27 -19.58 12.92 -4.69
C ALA A 27 -19.46 14.31 -4.07
N ASP A 28 -18.49 14.49 -3.18
CA ASP A 28 -18.35 15.77 -2.49
C ASP A 28 -17.60 16.75 -3.39
N GLU A 29 -17.09 16.24 -4.49
CA GLU A 29 -16.34 17.05 -5.44
C GLU A 29 -15.15 17.77 -4.78
N TYR A 30 -14.40 17.04 -3.97
CA TYR A 30 -13.16 17.55 -3.43
C TYR A 30 -12.08 17.17 -4.44
N ASN A 31 -11.37 18.18 -4.91
CA ASN A 31 -10.36 17.96 -5.93
C ASN A 31 -9.01 17.64 -5.29
N VAL A 32 -8.68 16.36 -5.19
CA VAL A 32 -7.46 15.96 -4.51
C VAL A 32 -6.28 16.00 -5.47
N ASN A 33 -5.25 16.75 -5.10
CA ASN A 33 -4.02 16.82 -5.88
C ASN A 33 -2.99 15.85 -5.35
N VAL A 34 -2.90 15.80 -4.02
CA VAL A 34 -1.91 15.01 -3.32
C VAL A 34 -2.55 14.20 -2.20
N ILE A 35 -2.20 12.93 -2.11
CA ILE A 35 -2.60 12.15 -0.97
C ILE A 35 -1.41 12.00 -0.05
N VAL A 36 -1.62 12.27 1.22
CA VAL A 36 -0.62 11.96 2.25
C VAL A 36 -1.09 10.75 3.06
N ALA A 37 -0.42 9.62 2.85
CA ALA A 37 -0.71 8.40 3.60
C ALA A 37 0.03 8.43 4.94
N ILE A 38 -0.68 8.14 6.02
CA ILE A 38 -0.04 7.86 7.31
C ILE A 38 0.54 6.45 7.32
N ALA A 39 1.86 6.33 7.44
CA ALA A 39 2.50 5.02 7.49
C ALA A 39 2.39 4.50 8.93
N ARG A 40 2.12 3.20 9.12
CA ARG A 40 2.05 2.21 8.04
C ARG A 40 0.62 1.90 7.60
N GLY A 41 -0.35 2.25 8.44
CA GLY A 41 -1.74 1.84 8.24
C GLY A 41 -2.42 2.34 6.97
N GLY A 42 -2.06 3.56 6.53
CA GLY A 42 -2.79 4.20 5.46
C GLY A 42 -2.19 4.04 4.08
N LEU A 43 -1.07 3.32 4.00
CA LEU A 43 -0.37 3.10 2.75
C LEU A 43 -1.23 2.38 1.70
N VAL A 44 -1.80 1.25 2.09
CA VAL A 44 -2.61 0.49 1.16
C VAL A 44 -3.89 1.23 0.77
N PRO A 45 -4.63 1.75 1.76
CA PRO A 45 -5.85 2.49 1.39
C PRO A 45 -5.55 3.71 0.53
N ALA A 46 -4.47 4.44 0.84
CA ALA A 46 -4.04 5.57 0.04
C ALA A 46 -3.85 5.18 -1.44
N ARG A 47 -3.12 4.10 -1.70
CA ARG A 47 -2.88 3.68 -3.08
C ARG A 47 -4.19 3.33 -3.82
N LEU A 48 -5.11 2.64 -3.14
CA LEU A 48 -6.33 2.21 -3.79
C LEU A 48 -7.22 3.40 -4.09
N VAL A 49 -7.29 4.33 -3.14
CA VAL A 49 -8.06 5.55 -3.32
C VAL A 49 -7.46 6.41 -4.46
N ALA A 50 -6.14 6.46 -4.55
CA ALA A 50 -5.51 7.19 -5.65
C ALA A 50 -5.91 6.60 -7.00
N ASP A 51 -6.05 5.27 -7.08
CA ASP A 51 -6.42 4.61 -8.32
C ASP A 51 -7.82 5.03 -8.78
N VAL A 52 -8.76 5.04 -7.85
CA VAL A 52 -10.15 5.36 -8.16
C VAL A 52 -10.33 6.82 -8.50
N LEU A 53 -9.60 7.70 -7.82
CA LEU A 53 -9.75 9.13 -8.00
C LEU A 53 -8.85 9.66 -9.11
N GLY A 54 -7.81 8.90 -9.45
CA GLY A 54 -6.80 9.38 -10.35
C GLY A 54 -5.83 10.38 -9.73
N VAL A 55 -5.32 10.06 -8.53
CA VAL A 55 -4.25 10.85 -7.92
C VAL A 55 -2.89 10.24 -8.27
N PHE A 56 -1.95 11.08 -8.69
CA PHE A 56 -0.61 10.60 -9.07
C PHE A 56 0.43 10.85 -7.99
N ASP A 57 0.14 11.82 -7.12
CA ASP A 57 1.09 12.25 -6.12
C ASP A 57 0.71 11.69 -4.75
N ILE A 58 1.40 10.65 -4.35
CA ILE A 58 1.25 10.11 -3.01
C ILE A 58 2.53 10.33 -2.22
N LEU A 59 2.38 10.92 -1.03
CA LEU A 59 3.46 11.02 -0.05
C LEU A 59 3.04 10.27 1.21
N SER A 60 3.98 10.05 2.14
CA SER A 60 3.65 9.40 3.40
C SER A 60 4.45 9.94 4.58
N ILE A 61 3.82 9.96 5.76
CA ILE A 61 4.52 10.29 7.00
C ILE A 61 4.40 9.18 8.03
N LYS A 62 5.53 8.83 8.61
CA LYS A 62 5.55 7.77 9.61
C LYS A 62 5.05 8.30 10.96
N ILE A 63 3.96 7.75 11.47
CA ILE A 63 3.48 8.16 12.79
C ILE A 63 3.62 7.05 13.84
N GLU A 64 4.29 7.37 14.93
CA GLU A 64 4.49 6.46 16.07
C GLU A 64 3.43 6.70 17.13
N HIS A 65 3.10 5.65 17.88
CA HIS A 65 2.20 5.75 19.03
C HIS A 65 2.86 5.33 20.35
N TRP A 66 3.01 6.29 21.27
CA TRP A 66 3.74 6.08 22.52
C TRP A 66 2.83 6.12 23.74
N ILE A 67 3.11 5.25 24.70
CA ILE A 67 2.40 5.30 25.98
C ILE A 67 3.37 5.45 27.17
N GLU A 68 3.05 6.37 28.05
CA GLU A 68 3.89 6.61 29.23
C GLU A 68 3.54 5.58 30.31
N THR A 69 4.54 4.83 30.77
CA THR A 69 4.33 3.64 31.59
C THR A 69 3.49 3.82 32.85
N ALA A 70 3.74 4.87 33.61
CA ALA A 70 3.11 5.05 34.91
C ALA A 70 1.79 5.80 34.79
N SER A 71 1.80 6.86 34.01
CA SER A 71 0.61 7.69 33.82
C SER A 71 -0.35 7.10 32.80
N HIS A 72 0.14 6.16 32.00
CA HIS A 72 -0.66 5.59 30.90
C HIS A 72 -1.14 6.68 29.96
N THR A 73 -0.31 7.70 29.77
CA THR A 73 -0.61 8.80 28.87
C THR A 73 -0.22 8.44 27.43
N PRO A 74 -1.15 8.63 26.49
CA PRO A 74 -0.98 8.34 25.06
C PRO A 74 -0.42 9.52 24.29
N GLU A 75 0.64 9.31 23.53
CA GLU A 75 1.15 10.37 22.65
C GLU A 75 1.56 9.86 21.25
N ALA A 76 0.97 10.45 20.21
CA ALA A 76 1.38 10.16 18.83
C ALA A 76 2.46 11.14 18.41
N LYS A 77 3.42 10.65 17.63
CA LYS A 77 4.58 11.44 17.23
C LYS A 77 4.98 11.13 15.78
N VAL A 78 5.40 12.16 15.04
CA VAL A 78 5.90 11.97 13.68
C VAL A 78 7.39 11.62 13.70
N LYS A 79 7.71 10.43 13.20
CA LYS A 79 9.11 10.01 13.11
C LYS A 79 9.69 10.34 11.73
N TYR A 80 10.99 10.66 11.70
CA TYR A 80 11.64 11.14 10.48
C TYR A 80 10.88 12.29 9.82
N PRO A 81 10.71 13.41 10.55
CA PRO A 81 9.97 14.56 10.04
C PRO A 81 10.75 15.20 8.92
N PHE A 82 10.05 15.88 8.03
CA PHE A 82 10.65 16.53 6.87
C PHE A 82 9.62 17.52 6.33
N LYS A 83 10.00 18.30 5.35
CA LYS A 83 9.00 19.14 4.74
C LYS A 83 9.19 19.21 3.24
N VAL A 84 8.10 19.53 2.56
CA VAL A 84 8.08 19.77 1.12
C VAL A 84 7.06 20.87 0.88
N ASP A 85 7.10 21.46 -0.31
CA ASP A 85 6.20 22.54 -0.65
C ASP A 85 4.98 22.02 -1.41
N LEU A 86 3.84 21.99 -0.72
CA LEU A 86 2.61 21.49 -1.30
C LEU A 86 1.60 22.63 -1.49
N SER A 87 2.08 23.87 -1.49
CA SER A 87 1.20 25.01 -1.66
C SER A 87 0.50 24.94 -3.01
N ASP A 88 -0.71 25.50 -3.07
CA ASP A 88 -1.53 25.40 -4.28
C ASP A 88 -2.12 24.01 -4.49
N LYS A 89 -1.93 23.12 -3.52
CA LYS A 89 -2.46 21.76 -3.64
C LYS A 89 -3.61 21.52 -2.68
N ASN A 90 -4.55 20.69 -3.09
CA ASN A 90 -5.51 20.16 -2.14
C ASN A 90 -5.03 18.80 -1.68
N VAL A 91 -4.78 18.67 -0.38
CA VAL A 91 -4.28 17.44 0.20
C VAL A 91 -5.36 16.58 0.85
N LEU A 92 -5.31 15.27 0.59
CA LEU A 92 -6.12 14.30 1.32
C LEU A 92 -5.22 13.38 2.18
N ILE A 93 -5.51 13.34 3.48
CA ILE A 93 -4.77 12.49 4.41
C ILE A 93 -5.52 11.20 4.68
N ILE A 94 -4.84 10.07 4.53
CA ILE A 94 -5.49 8.77 4.68
C ILE A 94 -4.83 7.84 5.69
N ASP A 95 -5.66 7.23 6.52
CA ASP A 95 -5.24 6.19 7.45
C ASP A 95 -6.23 5.04 7.39
N ASP A 96 -5.83 3.86 7.86
CA ASP A 96 -6.72 2.69 7.83
C ASP A 96 -7.97 2.89 8.70
N ILE A 97 -7.74 3.18 9.97
CA ILE A 97 -8.83 3.24 10.92
C ILE A 97 -8.54 4.26 12.00
N THR A 98 -9.58 4.97 12.39
CA THR A 98 -9.44 5.98 13.43
C THR A 98 -10.36 5.68 14.60
N ASP A 99 -9.86 5.86 15.83
CA ASP A 99 -10.73 5.89 17.02
C ASP A 99 -10.68 7.23 17.77
N THR A 100 -9.68 7.40 18.64
CA THR A 100 -9.52 8.65 19.40
C THR A 100 -9.21 9.83 18.47
N GLY A 101 -8.86 9.51 17.23
CA GLY A 101 -8.59 10.51 16.22
C GLY A 101 -7.31 11.28 16.42
N ASP A 102 -6.41 10.74 17.24
CA ASP A 102 -5.16 11.43 17.53
C ASP A 102 -4.23 11.50 16.32
N SER A 103 -4.05 10.37 15.66
CA SER A 103 -3.21 10.30 14.47
C SER A 103 -3.62 11.29 13.39
N ILE A 104 -4.89 11.25 12.98
CA ILE A 104 -5.34 12.16 11.92
C ILE A 104 -5.30 13.62 12.39
N GLU A 105 -5.70 13.87 13.64
CA GLU A 105 -5.52 15.18 14.25
C GLU A 105 -4.06 15.64 14.10
N LEU A 106 -3.14 14.77 14.49
CA LEU A 106 -1.71 15.09 14.44
C LEU A 106 -1.23 15.34 13.02
N ALA A 107 -1.62 14.44 12.12
CA ALA A 107 -1.16 14.51 10.74
C ALA A 107 -1.68 15.78 10.08
N ARG A 108 -2.95 16.09 10.34
CA ARG A 108 -3.57 17.29 9.79
C ARG A 108 -2.74 18.50 10.21
N LYS A 109 -2.47 18.58 11.51
CA LYS A 109 -1.67 19.64 12.07
C LYS A 109 -0.32 19.70 11.38
N TYR A 110 0.38 18.55 11.35
CA TYR A 110 1.71 18.51 10.77
C TYR A 110 1.71 19.00 9.33
N VAL A 111 0.75 18.52 8.54
CA VAL A 111 0.68 18.85 7.12
C VAL A 111 0.44 20.35 6.91
N MET A 112 -0.47 20.93 7.69
CA MET A 112 -0.75 22.37 7.59
C MET A 112 0.51 23.21 7.81
N GLU A 113 1.30 22.83 8.81
CA GLU A 113 2.42 23.65 9.21
C GLU A 113 3.66 23.40 8.38
N ASN A 114 3.81 22.17 7.89
CA ASN A 114 5.07 21.80 7.24
C ASN A 114 5.01 21.71 5.72
N PHE A 115 3.82 21.46 5.17
CA PHE A 115 3.66 21.35 3.73
C PHE A 115 2.86 22.54 3.19
N ARG A 116 2.07 23.14 4.06
CA ARG A 116 1.24 24.31 3.73
C ARG A 116 0.53 24.19 2.40
N PRO A 117 -0.48 23.32 2.36
CA PRO A 117 -1.31 23.07 1.19
C PRO A 117 -2.37 24.14 1.09
N THR A 118 -3.11 24.14 0.00
CA THR A 118 -4.26 25.02 -0.12
C THR A 118 -5.38 24.58 0.84
N GLU A 119 -5.55 23.27 0.98
CA GLU A 119 -6.59 22.74 1.86
C GLU A 119 -6.27 21.31 2.29
N VAL A 120 -6.69 20.94 3.49
CA VAL A 120 -6.53 19.57 3.97
C VAL A 120 -7.86 18.96 4.38
N LYS A 121 -8.05 17.72 3.99
CA LYS A 121 -9.17 16.91 4.47
C LYS A 121 -8.66 15.54 4.91
N THR A 122 -9.44 14.83 5.72
CA THR A 122 -9.01 13.54 6.26
C THR A 122 -9.98 12.39 5.94
N ALA A 123 -9.43 11.18 5.87
CA ALA A 123 -10.22 10.00 5.52
C ALA A 123 -9.66 8.72 6.12
N THR A 124 -10.56 7.81 6.45
CA THR A 124 -10.19 6.45 6.87
C THR A 124 -11.23 5.46 6.34
N LEU A 125 -10.83 4.21 6.20
CA LEU A 125 -11.78 3.18 5.85
C LEU A 125 -12.84 3.09 6.94
N GLN A 126 -12.41 3.05 8.19
CA GLN A 126 -13.34 2.87 9.27
C GLN A 126 -13.14 3.85 10.40
N TYR A 127 -14.24 4.24 11.03
CA TYR A 127 -14.14 5.06 12.23
C TYR A 127 -15.05 4.51 13.35
N ILE A 128 -14.45 4.35 14.54
CA ILE A 128 -15.14 3.86 15.71
C ILE A 128 -15.78 5.06 16.40
N LYS A 129 -17.12 5.04 16.48
CA LYS A 129 -17.87 6.16 17.05
C LYS A 129 -17.68 6.35 18.57
N PRO A 130 -17.63 5.23 19.33
CA PRO A 130 -17.32 5.27 20.76
C PRO A 130 -16.10 6.15 21.06
N ALA A 131 -14.92 5.65 20.69
CA ALA A 131 -13.67 6.36 20.98
C ALA A 131 -13.55 7.69 20.26
N ALA A 132 -14.36 7.88 19.22
CA ALA A 132 -14.32 9.08 18.37
C ALA A 132 -14.20 10.38 19.17
N LYS A 133 -13.02 11.00 19.09
CA LYS A 133 -12.82 12.32 19.68
C LYS A 133 -12.94 13.36 18.56
N ILE A 134 -11.95 13.40 17.67
CA ILE A 134 -12.04 14.17 16.42
C ILE A 134 -12.40 13.24 15.24
N ILE A 135 -13.37 13.66 14.43
CA ILE A 135 -13.91 12.78 13.38
C ILE A 135 -13.47 13.15 11.96
N PRO A 136 -13.12 12.14 11.15
CA PRO A 136 -12.53 12.34 9.82
C PRO A 136 -13.53 12.93 8.86
N ASP A 137 -13.06 13.76 7.94
CA ASP A 137 -13.95 14.35 6.94
C ASP A 137 -14.65 13.29 6.09
N TYR A 138 -13.92 12.22 5.77
CA TYR A 138 -14.52 11.12 5.02
C TYR A 138 -14.20 9.77 5.65
N TYR A 139 -15.13 8.84 5.49
CA TYR A 139 -14.91 7.47 5.93
C TYR A 139 -15.83 6.55 5.16
N ALA A 140 -15.38 5.32 4.93
CA ALA A 140 -16.20 4.32 4.28
C ALA A 140 -17.31 3.79 5.19
N GLU A 141 -17.00 3.54 6.45
CA GLU A 141 -17.95 2.79 7.27
C GLU A 141 -17.79 3.09 8.75
N GLU A 142 -18.91 3.44 9.38
CA GLU A 142 -18.95 3.67 10.82
C GLU A 142 -19.05 2.34 11.56
N ILE A 143 -18.12 2.08 12.46
CA ILE A 143 -18.17 0.87 13.27
C ILE A 143 -18.97 1.14 14.53
N VAL A 144 -19.97 0.28 14.75
CA VAL A 144 -20.80 0.34 15.96
C VAL A 144 -20.34 -0.68 16.99
N SER A 145 -20.25 -1.94 16.57
CA SER A 145 -19.71 -3.01 17.41
C SER A 145 -18.18 -2.98 17.45
N TRP A 146 -17.62 -2.46 18.54
CA TRP A 146 -16.16 -2.41 18.68
C TRP A 146 -15.59 -3.80 18.49
N ALA A 147 -14.54 -3.90 17.68
CA ALA A 147 -13.87 -5.17 17.45
C ALA A 147 -12.39 -4.94 17.15
N TRP A 148 -11.62 -6.02 17.14
CA TRP A 148 -10.27 -5.93 16.63
C TRP A 148 -10.29 -6.36 15.17
N PHE A 149 -10.08 -5.38 14.29
CA PHE A 149 -10.13 -5.62 12.85
C PHE A 149 -8.76 -6.03 12.38
N MET A 150 -8.66 -7.23 11.81
CA MET A 150 -7.40 -7.70 11.29
C MET A 150 -7.31 -7.45 9.79
N TYR A 151 -6.51 -6.46 9.42
CA TYR A 151 -6.36 -6.11 7.99
C TYR A 151 -5.36 -7.01 7.30
N PRO A 152 -5.58 -7.25 5.99
CA PRO A 152 -4.77 -8.18 5.19
C PRO A 152 -3.31 -7.76 5.11
N TRP A 153 -2.97 -6.50 5.38
CA TRP A 153 -1.56 -6.09 5.43
C TRP A 153 -0.95 -6.24 6.83
N ASN A 154 -1.75 -6.78 7.77
CA ASN A 154 -1.31 -7.01 9.14
C ASN A 154 -1.45 -8.44 9.59
N TYR A 155 -1.77 -9.35 8.68
CA TYR A 155 -2.06 -10.72 9.09
C TYR A 155 -0.95 -11.30 9.94
N TRP A 156 0.30 -11.14 9.50
CA TRP A 156 1.44 -11.64 10.25
C TRP A 156 1.56 -11.00 11.63
N GLU A 157 1.65 -9.68 11.65
CA GLU A 157 1.84 -8.95 12.88
C GLU A 157 0.71 -9.19 13.88
N ASP A 158 -0.53 -9.19 13.38
CA ASP A 158 -1.68 -9.37 14.23
C ASP A 158 -1.74 -10.81 14.80
N GLU A 159 -1.43 -11.80 13.99
CA GLU A 159 -1.47 -13.19 14.43
C GLU A 159 -0.37 -13.44 15.45
N ILE A 160 0.81 -12.88 15.19
CA ILE A 160 1.89 -12.97 16.16
C ILE A 160 1.49 -12.44 17.55
N ASN A 161 0.94 -11.24 17.61
CA ASN A 161 0.53 -10.65 18.89
C ASN A 161 -0.60 -11.43 19.57
N LEU A 162 -1.57 -11.88 18.76
CA LEU A 162 -2.70 -12.65 19.26
C LEU A 162 -2.23 -13.97 19.85
N VAL A 163 -1.24 -14.56 19.21
CA VAL A 163 -0.65 -15.80 19.68
C VAL A 163 0.20 -15.55 20.92
N ASN A 164 0.82 -14.38 20.97
CA ASN A 164 1.59 -14.03 22.17
C ASN A 164 0.70 -13.83 23.40
N LYS A 165 -0.43 -13.15 23.23
CA LYS A 165 -1.38 -12.99 24.33
C LYS A 165 -1.77 -14.36 24.89
N ILE A 166 -1.85 -15.34 24.00
CA ILE A 166 -2.16 -16.71 24.41
C ILE A 166 -0.97 -17.38 25.13
N LEU A 167 0.23 -17.19 24.60
CA LEU A 167 1.41 -17.77 25.22
C LEU A 167 1.69 -17.20 26.62
N ILE A 168 1.35 -15.93 26.81
CA ILE A 168 1.62 -15.23 28.06
C ILE A 168 0.65 -15.62 29.18
N GLU A 169 -0.65 -15.66 28.86
CA GLU A 169 -1.66 -16.06 29.83
C GLU A 169 -1.55 -17.53 30.23
N ARG A 170 -1.33 -18.41 29.26
CA ARG A 170 -1.35 -19.86 29.51
C ARG A 170 -0.02 -20.47 29.96
N LYS A 171 1.04 -19.67 29.95
CA LYS A 171 2.35 -20.10 30.44
C LYS A 171 2.86 -21.37 29.74
N THR A 172 2.54 -21.47 28.45
CA THR A 172 2.98 -22.59 27.62
C THR A 172 4.51 -22.66 27.54
N LYS A 173 5.08 -23.81 27.90
CA LYS A 173 6.53 -24.05 27.80
C LYS A 173 6.82 -24.85 26.51
N ASP A 174 6.27 -26.04 26.39
CA ASP A 174 6.49 -26.82 25.19
C ASP A 174 5.27 -26.64 24.29
N ILE A 175 5.38 -25.70 23.34
CA ILE A 175 4.25 -25.24 22.57
C ILE A 175 3.59 -26.34 21.75
N ASP A 176 2.30 -26.58 21.96
CA ASP A 176 1.68 -27.58 21.11
C ASP A 176 0.76 -26.97 20.06
N ILE A 177 1.09 -27.25 18.81
CA ILE A 177 0.37 -26.66 17.68
C ILE A 177 -1.14 -26.89 17.72
N ASN A 178 -1.58 -28.11 18.04
CA ASN A 178 -3.01 -28.42 18.13
C ASN A 178 -3.69 -27.74 19.33
N GLU A 179 -2.90 -27.58 20.39
CA GLU A 179 -3.37 -26.88 21.58
C GLU A 179 -3.56 -25.40 21.22
N LEU A 180 -2.60 -24.84 20.50
CA LEU A 180 -2.65 -23.43 20.08
C LEU A 180 -3.86 -23.15 19.20
N LYS A 181 -4.10 -24.01 18.19
CA LYS A 181 -5.24 -23.82 17.30
C LYS A 181 -6.54 -23.79 18.09
N ARG A 182 -6.62 -24.64 19.12
CA ARG A 182 -7.78 -24.65 20.01
C ARG A 182 -7.93 -23.36 20.81
N ASN A 183 -6.82 -22.90 21.42
CA ASN A 183 -6.82 -21.65 22.19
C ASN A 183 -7.24 -20.49 21.33
N PHE A 184 -6.78 -20.54 20.08
CA PHE A 184 -7.06 -19.50 19.10
C PHE A 184 -8.54 -19.48 18.77
N VAL A 185 -9.08 -20.65 18.43
CA VAL A 185 -10.49 -20.75 18.08
C VAL A 185 -11.33 -20.29 19.26
N GLU A 186 -10.80 -20.53 20.46
CA GLU A 186 -11.51 -20.25 21.70
C GLU A 186 -11.48 -18.79 22.14
N SER A 187 -10.29 -18.21 22.15
CA SER A 187 -10.15 -16.80 22.49
C SER A 187 -10.69 -15.85 21.39
N TYR A 188 -10.52 -16.21 20.11
CA TYR A 188 -10.72 -15.26 19.01
C TYR A 188 -11.78 -15.63 17.96
N GLY A 189 -12.14 -16.91 17.91
CA GLY A 189 -13.21 -17.35 17.04
C GLY A 189 -12.74 -17.68 15.64
N ILE A 190 -11.44 -17.83 15.49
CA ILE A 190 -10.87 -18.08 14.18
C ILE A 190 -10.37 -19.50 14.10
N GLU A 191 -11.00 -20.28 13.24
CA GLU A 191 -10.61 -21.68 13.09
C GLU A 191 -9.60 -21.82 11.96
N ASN A 192 -9.69 -20.91 11.00
CA ASN A 192 -8.74 -20.88 9.89
C ASN A 192 -8.10 -19.49 9.74
N PRO A 193 -7.05 -19.23 10.52
CA PRO A 193 -6.33 -17.96 10.44
C PRO A 193 -5.71 -17.84 9.04
N PRO A 194 -5.66 -16.61 8.47
CA PRO A 194 -5.06 -16.36 7.15
C PRO A 194 -3.66 -16.96 7.01
N ILE A 195 -2.79 -16.69 7.99
CA ILE A 195 -1.48 -17.35 8.04
C ILE A 195 -1.58 -18.53 8.99
N SER A 196 -1.18 -19.72 8.52
CA SER A 196 -1.27 -20.90 9.36
C SER A 196 -0.35 -20.74 10.60
N LEU A 197 -0.87 -21.17 11.75
CA LEU A 197 -0.23 -20.91 13.04
C LEU A 197 1.14 -21.56 13.20
N ASP A 198 1.45 -22.54 12.37
CA ASP A 198 2.80 -23.10 12.42
C ASP A 198 3.82 -22.12 11.84
N LYS A 199 3.48 -21.50 10.71
CA LYS A 199 4.34 -20.46 10.14
C LYS A 199 4.54 -19.34 11.15
N ILE A 200 3.47 -18.95 11.83
CA ILE A 200 3.54 -17.91 12.85
C ILE A 200 4.54 -18.21 13.97
N LEU A 201 4.58 -19.47 14.43
CA LEU A 201 5.52 -19.88 15.49
C LEU A 201 6.95 -19.84 14.98
N THR A 202 7.15 -20.46 13.81
CA THR A 202 8.46 -20.40 13.16
C THR A 202 9.02 -18.98 13.12
N GLU A 203 8.14 -18.03 12.77
CA GLU A 203 8.57 -16.65 12.65
C GLU A 203 8.75 -15.98 14.01
N MET A 204 7.91 -16.32 14.99
CA MET A 204 8.08 -15.79 16.35
C MET A 204 9.45 -16.20 16.92
N LYS A 205 9.90 -17.38 16.52
CA LYS A 205 11.22 -17.85 16.93
C LYS A 205 12.31 -17.03 16.25
N ARG A 206 12.23 -16.97 14.92
CA ARG A 206 13.15 -16.16 14.14
C ARG A 206 13.31 -14.77 14.73
N ARG A 207 12.22 -14.23 15.28
CA ARG A 207 12.22 -12.88 15.83
C ARG A 207 12.63 -12.81 17.30
N LYS A 208 13.06 -13.96 17.84
CA LYS A 208 13.44 -14.07 19.25
C LYS A 208 12.30 -13.66 20.20
N ILE A 209 11.05 -13.86 19.75
CA ILE A 209 9.90 -13.61 20.62
C ILE A 209 9.69 -14.85 21.48
N VAL A 210 9.99 -16.01 20.88
CA VAL A 210 10.09 -17.27 21.60
C VAL A 210 11.27 -18.06 21.06
N GLN B 2 -2.76 -3.12 -32.54
CA GLN B 2 -4.07 -3.29 -31.93
C GLN B 2 -4.03 -4.13 -30.65
N LYS B 3 -3.36 -5.30 -30.72
CA LYS B 3 -3.36 -6.28 -29.63
C LYS B 3 -2.21 -6.11 -28.63
N ILE B 4 -2.55 -6.19 -27.34
CA ILE B 4 -1.56 -6.10 -26.27
C ILE B 4 -1.67 -7.31 -25.33
N PRO B 5 -0.53 -7.86 -24.92
CA PRO B 5 -0.49 -8.98 -23.97
C PRO B 5 -0.85 -8.50 -22.55
N VAL B 6 -2.02 -8.86 -22.03
CA VAL B 6 -2.44 -8.33 -20.73
C VAL B 6 -2.79 -9.39 -19.70
N LYS B 7 -2.01 -9.47 -18.62
CA LYS B 7 -2.29 -10.37 -17.50
C LYS B 7 -2.90 -9.62 -16.31
N VAL B 8 -4.08 -10.04 -15.88
CA VAL B 8 -4.73 -9.46 -14.72
C VAL B 8 -4.22 -10.13 -13.44
N VAL B 9 -3.51 -9.39 -12.59
CA VAL B 9 -2.95 -9.92 -11.36
C VAL B 9 -3.96 -9.77 -10.21
N THR B 10 -4.24 -10.87 -9.52
CA THR B 10 -5.19 -10.83 -8.43
C THR B 10 -4.49 -10.51 -7.12
N TRP B 11 -5.30 -10.17 -6.13
CA TRP B 11 -4.80 -9.89 -4.78
C TRP B 11 -4.00 -11.07 -4.21
N ASP B 12 -4.54 -12.27 -4.35
CA ASP B 12 -3.85 -13.49 -3.92
C ASP B 12 -2.48 -13.67 -4.52
N GLU B 13 -2.37 -13.41 -5.81
CA GLU B 13 -1.07 -13.46 -6.46
C GLU B 13 -0.13 -12.41 -5.87
N ILE B 14 -0.67 -11.24 -5.56
CA ILE B 14 0.16 -10.19 -4.98
C ILE B 14 0.72 -10.66 -3.64
N VAL B 15 -0.17 -11.23 -2.83
CA VAL B 15 0.20 -11.87 -1.58
C VAL B 15 1.29 -12.93 -1.80
N SER B 16 1.08 -13.84 -2.75
CA SER B 16 2.11 -14.86 -3.02
C SER B 16 3.45 -14.24 -3.37
N LEU B 17 3.45 -13.31 -4.32
CA LEU B 17 4.69 -12.67 -4.77
C LEU B 17 5.39 -11.91 -3.65
N SER B 18 4.58 -11.17 -2.89
CA SER B 18 5.11 -10.40 -1.75
C SER B 18 5.74 -11.31 -0.71
N THR B 19 5.07 -12.42 -0.43
CA THR B 19 5.52 -13.34 0.61
C THR B 19 6.78 -14.04 0.14
N LYS B 20 6.78 -14.40 -1.14
CA LYS B 20 7.96 -15.03 -1.73
C LYS B 20 9.16 -14.09 -1.71
N LEU B 21 8.94 -12.83 -2.04
CA LEU B 21 10.01 -11.85 -1.98
C LEU B 21 10.58 -11.71 -0.56
N ALA B 22 9.69 -11.51 0.41
CA ALA B 22 10.08 -11.44 1.82
C ALA B 22 10.91 -12.65 2.25
N GLU B 23 10.48 -13.85 1.82
CA GLU B 23 11.17 -15.09 2.23
C GLU B 23 12.61 -15.17 1.72
N LYS B 24 12.89 -14.56 0.57
CA LYS B 24 14.25 -14.51 0.06
C LYS B 24 15.09 -13.62 0.93
N ILE B 25 14.48 -12.56 1.42
CA ILE B 25 15.17 -11.62 2.28
C ILE B 25 15.44 -12.24 3.65
N LYS B 26 14.46 -12.99 4.18
CA LYS B 26 14.66 -13.73 5.42
C LYS B 26 15.84 -14.66 5.23
N ALA B 27 15.85 -15.34 4.09
CA ALA B 27 16.82 -16.38 3.85
C ALA B 27 18.20 -15.79 3.72
N ASP B 28 18.28 -14.59 3.18
CA ASP B 28 19.58 -13.95 3.00
C ASP B 28 20.03 -13.28 4.27
N GLU B 29 19.15 -13.26 5.27
CA GLU B 29 19.48 -12.65 6.56
C GLU B 29 19.94 -11.20 6.44
N TYR B 30 19.21 -10.43 5.64
CA TYR B 30 19.42 -9.00 5.60
C TYR B 30 18.50 -8.38 6.65
N ASN B 31 19.09 -7.62 7.56
CA ASN B 31 18.35 -7.06 8.67
C ASN B 31 17.78 -5.70 8.30
N VAL B 32 16.53 -5.67 7.85
CA VAL B 32 15.93 -4.43 7.39
C VAL B 32 15.40 -3.61 8.57
N ASN B 33 15.86 -2.37 8.67
CA ASN B 33 15.34 -1.46 9.68
C ASN B 33 14.26 -0.57 9.12
N VAL B 34 14.51 -0.09 7.90
CA VAL B 34 13.62 0.83 7.23
C VAL B 34 13.31 0.37 5.79
N ILE B 35 12.04 0.39 5.43
CA ILE B 35 11.69 0.21 4.03
C ILE B 35 11.41 1.57 3.38
N VAL B 36 12.02 1.82 2.23
CA VAL B 36 11.66 2.99 1.41
C VAL B 36 10.88 2.52 0.19
N ALA B 37 9.59 2.83 0.19
CA ALA B 37 8.73 2.48 -0.93
C ALA B 37 8.82 3.58 -1.99
N ILE B 38 9.04 3.18 -3.24
CA ILE B 38 8.88 4.09 -4.38
C ILE B 38 7.41 4.26 -4.68
N ALA B 39 6.90 5.49 -4.49
CA ALA B 39 5.51 5.79 -4.83
C ALA B 39 5.38 6.04 -6.34
N ARG B 40 4.30 5.55 -6.95
CA ARG B 40 3.18 4.92 -6.28
C ARG B 40 3.25 3.39 -6.26
N GLY B 41 4.06 2.82 -7.15
CA GLY B 41 4.06 1.40 -7.41
C GLY B 41 4.41 0.50 -6.23
N GLY B 42 5.33 0.98 -5.39
CA GLY B 42 5.94 0.14 -4.37
C GLY B 42 5.27 0.23 -3.01
N LEU B 43 4.25 1.07 -2.90
CA LEU B 43 3.56 1.28 -1.64
C LEU B 43 2.89 0.01 -1.09
N VAL B 44 2.09 -0.67 -1.93
CA VAL B 44 1.43 -1.88 -1.48
C VAL B 44 2.44 -3.01 -1.18
N PRO B 45 3.37 -3.26 -2.11
CA PRO B 45 4.36 -4.30 -1.82
C PRO B 45 5.18 -4.00 -0.57
N ALA B 46 5.52 -2.73 -0.37
CA ALA B 46 6.31 -2.34 0.79
C ALA B 46 5.57 -2.68 2.07
N ARG B 47 4.28 -2.36 2.12
CA ARG B 47 3.52 -2.64 3.34
C ARG B 47 3.40 -4.15 3.61
N LEU B 48 3.18 -4.96 2.57
CA LEU B 48 3.04 -6.39 2.77
C LEU B 48 4.36 -7.01 3.23
N VAL B 49 5.46 -6.56 2.62
CA VAL B 49 6.77 -7.06 2.97
C VAL B 49 7.14 -6.67 4.41
N ALA B 50 6.73 -5.49 4.84
CA ALA B 50 6.97 -5.04 6.20
C ALA B 50 6.24 -5.97 7.19
N ASP B 51 5.03 -6.41 6.84
CA ASP B 51 4.26 -7.28 7.71
C ASP B 51 4.96 -8.62 7.92
N VAL B 52 5.46 -9.20 6.83
CA VAL B 52 6.12 -10.49 6.89
C VAL B 52 7.47 -10.44 7.59
N LEU B 53 8.20 -9.34 7.42
CA LEU B 53 9.52 -9.20 8.00
C LEU B 53 9.47 -8.58 9.39
N GLY B 54 8.37 -7.91 9.69
CA GLY B 54 8.29 -7.15 10.93
C GLY B 54 9.06 -5.83 10.86
N VAL B 55 8.89 -5.07 9.78
CA VAL B 55 9.42 -3.70 9.72
C VAL B 55 8.35 -2.70 10.13
N PHE B 56 8.73 -1.73 10.97
CA PHE B 56 7.79 -0.73 11.49
C PHE B 56 7.97 0.61 10.82
N ASP B 57 9.16 0.83 10.28
CA ASP B 57 9.49 2.10 9.66
C ASP B 57 9.40 2.03 8.14
N ILE B 58 8.34 2.62 7.61
CA ILE B 58 8.18 2.72 6.16
C ILE B 58 8.16 4.18 5.77
N LEU B 59 9.03 4.53 4.83
CA LEU B 59 8.99 5.85 4.19
C LEU B 59 8.71 5.66 2.69
N SER B 60 8.47 6.75 1.98
CA SER B 60 8.26 6.67 0.54
C SER B 60 8.79 7.89 -0.21
N ILE B 61 9.26 7.66 -1.43
CA ILE B 61 9.64 8.75 -2.30
C ILE B 61 8.87 8.71 -3.63
N LYS B 62 8.32 9.84 -4.03
CA LYS B 62 7.58 9.91 -5.29
C LYS B 62 8.53 9.98 -6.49
N ILE B 63 8.50 8.99 -7.36
CA ILE B 63 9.32 9.03 -8.58
C ILE B 63 8.51 9.21 -9.86
N GLU B 64 8.86 10.24 -10.63
CA GLU B 64 8.20 10.54 -11.90
C GLU B 64 8.98 9.93 -13.04
N HIS B 65 8.30 9.62 -14.15
CA HIS B 65 8.93 9.15 -15.37
C HIS B 65 8.64 10.05 -16.57
N TRP B 66 9.68 10.65 -17.11
CA TRP B 66 9.54 11.64 -18.18
C TRP B 66 10.13 11.16 -19.52
N ILE B 67 9.45 11.47 -20.62
CA ILE B 67 10.02 11.24 -21.94
C ILE B 67 10.13 12.52 -22.78
N GLU B 68 11.29 12.71 -23.38
CA GLU B 68 11.52 13.90 -24.21
C GLU B 68 10.91 13.63 -25.58
N THR B 69 10.02 14.53 -26.01
CA THR B 69 9.19 14.30 -27.20
C THR B 69 9.94 13.94 -28.48
N ALA B 70 11.01 14.67 -28.80
CA ALA B 70 11.67 14.51 -30.08
C ALA B 70 12.72 13.41 -30.03
N SER B 71 13.53 13.43 -28.98
CA SER B 71 14.63 12.48 -28.84
C SER B 71 14.14 11.16 -28.28
N HIS B 72 12.94 11.16 -27.72
CA HIS B 72 12.41 9.98 -27.06
C HIS B 72 13.35 9.50 -25.95
N THR B 73 13.98 10.46 -25.26
CA THR B 73 14.89 10.16 -24.17
C THR B 73 14.10 10.01 -22.86
N PRO B 74 14.34 8.90 -22.15
CA PRO B 74 13.67 8.55 -20.89
C PRO B 74 14.41 9.08 -19.68
N GLU B 75 13.66 9.64 -18.74
CA GLU B 75 14.27 10.21 -17.55
C GLU B 75 13.37 10.10 -16.32
N ALA B 76 13.89 9.43 -15.30
CA ALA B 76 13.19 9.34 -14.02
C ALA B 76 13.67 10.47 -13.11
N LYS B 77 12.74 11.00 -12.32
CA LYS B 77 13.04 12.14 -11.46
C LYS B 77 12.30 12.02 -10.11
N VAL B 78 12.98 12.39 -9.03
CA VAL B 78 12.31 12.45 -7.73
C VAL B 78 11.53 13.75 -7.53
N LYS B 79 10.22 13.62 -7.33
CA LYS B 79 9.37 14.78 -7.05
C LYS B 79 9.17 14.98 -5.55
N TYR B 80 9.03 16.24 -5.15
CA TYR B 80 9.00 16.59 -3.73
C TYR B 80 10.15 15.98 -2.93
N PRO B 81 11.40 16.29 -3.32
CA PRO B 81 12.58 15.72 -2.66
C PRO B 81 12.67 16.25 -1.24
N PHE B 82 13.31 15.48 -0.36
CA PHE B 82 13.44 15.84 1.04
C PHE B 82 14.52 14.94 1.62
N LYS B 83 14.92 15.20 2.85
CA LYS B 83 15.88 14.32 3.48
C LYS B 83 15.55 14.05 4.93
N VAL B 84 16.06 12.93 5.40
CA VAL B 84 15.94 12.51 6.79
C VAL B 84 17.20 11.75 7.12
N ASP B 85 17.45 11.55 8.41
CA ASP B 85 18.65 10.89 8.85
C ASP B 85 18.38 9.42 9.12
N LEU B 86 18.88 8.58 8.22
CA LEU B 86 18.66 7.15 8.33
C LEU B 86 19.95 6.41 8.64
N SER B 87 20.97 7.16 9.08
CA SER B 87 22.25 6.55 9.42
C SER B 87 22.09 5.47 10.49
N ASP B 88 22.96 4.47 10.44
CA ASP B 88 22.85 3.34 11.35
C ASP B 88 21.70 2.40 11.00
N LYS B 89 21.04 2.64 9.87
CA LYS B 89 19.92 1.81 9.46
C LYS B 89 20.28 0.98 8.22
N ASN B 90 19.73 -0.21 8.14
CA ASN B 90 19.75 -0.95 6.89
C ASN B 90 18.44 -0.68 6.15
N VAL B 91 18.55 -0.10 4.96
CA VAL B 91 17.38 0.26 4.17
C VAL B 91 17.06 -0.74 3.05
N LEU B 92 15.79 -1.08 2.92
CA LEU B 92 15.31 -1.83 1.77
C LEU B 92 14.39 -0.95 0.91
N ILE B 93 14.75 -0.83 -0.38
CA ILE B 93 13.95 -0.07 -1.34
C ILE B 93 13.05 -1.00 -2.15
N ILE B 94 11.77 -0.66 -2.22
CA ILE B 94 10.80 -1.54 -2.88
C ILE B 94 9.97 -0.84 -3.97
N ASP B 95 9.81 -1.53 -5.08
CA ASP B 95 8.93 -1.08 -6.15
C ASP B 95 8.15 -2.29 -6.63
N ASP B 96 7.03 -2.09 -7.31
CA ASP B 96 6.26 -3.21 -7.86
C ASP B 96 6.99 -4.02 -8.91
N ILE B 97 7.44 -3.35 -9.98
CA ILE B 97 8.09 -4.02 -11.10
C ILE B 97 9.21 -3.20 -11.73
N THR B 98 10.29 -3.88 -12.09
CA THR B 98 11.42 -3.21 -12.74
C THR B 98 11.69 -3.80 -14.12
N ASP B 99 12.00 -2.93 -15.09
CA ASP B 99 12.59 -3.38 -16.35
C ASP B 99 13.98 -2.80 -16.63
N THR B 100 14.04 -1.57 -17.16
CA THR B 100 15.32 -0.91 -17.44
C THR B 100 16.09 -0.63 -16.16
N GLY B 101 15.39 -0.73 -15.03
CA GLY B 101 15.99 -0.57 -13.72
C GLY B 101 16.35 0.87 -13.38
N ASP B 102 15.78 1.82 -14.09
CA ASP B 102 16.11 3.24 -13.88
C ASP B 102 15.59 3.78 -12.56
N SER B 103 14.35 3.48 -12.24
CA SER B 103 13.76 3.88 -10.97
C SER B 103 14.55 3.40 -9.74
N ILE B 104 14.80 2.09 -9.66
CA ILE B 104 15.54 1.57 -8.52
C ILE B 104 16.99 2.10 -8.50
N GLU B 105 17.62 2.16 -9.66
CA GLU B 105 18.93 2.80 -9.79
C GLU B 105 18.86 4.20 -9.19
N LEU B 106 17.85 4.97 -9.60
CA LEU B 106 17.70 6.35 -9.14
C LEU B 106 17.44 6.44 -7.65
N ALA B 107 16.53 5.59 -7.17
CA ALA B 107 16.15 5.62 -5.77
C ALA B 107 17.32 5.24 -4.89
N ARG B 108 18.06 4.22 -5.30
CA ARG B 108 19.24 3.77 -4.58
C ARG B 108 20.20 4.93 -4.41
N LYS B 109 20.50 5.59 -5.53
CA LYS B 109 21.35 6.75 -5.54
C LYS B 109 20.81 7.80 -4.59
N TYR B 110 19.54 8.15 -4.75
CA TYR B 110 18.95 9.21 -3.94
C TYR B 110 19.06 8.90 -2.46
N VAL B 111 18.75 7.67 -2.10
CA VAL B 111 18.77 7.25 -0.70
C VAL B 111 20.17 7.33 -0.10
N MET B 112 21.17 6.88 -0.86
CA MET B 112 22.56 6.91 -0.39
C MET B 112 22.98 8.32 -0.06
N GLU B 113 22.61 9.27 -0.92
CA GLU B 113 23.11 10.63 -0.78
C GLU B 113 22.31 11.47 0.17
N ASN B 114 21.02 11.17 0.29
CA ASN B 114 20.15 12.04 1.06
C ASN B 114 19.73 11.51 2.44
N PHE B 115 19.73 10.19 2.59
CA PHE B 115 19.35 9.57 3.86
C PHE B 115 20.57 8.95 4.55
N ARG B 116 21.58 8.64 3.74
CA ARG B 116 22.83 8.06 4.23
C ARG B 116 22.63 6.97 5.27
N PRO B 117 22.15 5.81 4.81
CA PRO B 117 21.89 4.64 5.63
C PRO B 117 23.17 3.87 5.80
N THR B 118 23.14 2.84 6.63
CA THR B 118 24.28 1.97 6.78
C THR B 118 24.46 1.13 5.53
N GLU B 119 23.35 0.72 4.93
CA GLU B 119 23.38 -0.10 3.72
C GLU B 119 22.06 0.01 2.96
N VAL B 120 22.12 -0.16 1.65
CA VAL B 120 20.91 -0.19 0.84
C VAL B 120 20.85 -1.44 -0.03
N LYS B 121 19.66 -2.02 -0.09
CA LYS B 121 19.38 -3.09 -1.04
C LYS B 121 18.06 -2.79 -1.76
N THR B 122 17.84 -3.43 -2.90
CA THR B 122 16.64 -3.19 -3.69
C THR B 122 15.79 -4.45 -3.98
N ALA B 123 14.50 -4.25 -4.14
CA ALA B 123 13.57 -5.35 -4.35
C ALA B 123 12.37 -4.96 -5.20
N THR B 124 11.87 -5.92 -5.97
CA THR B 124 10.60 -5.76 -6.66
C THR B 124 9.90 -7.11 -6.69
N LEU B 125 8.58 -7.08 -6.89
CA LEU B 125 7.84 -8.30 -7.09
C LEU B 125 8.33 -8.99 -8.37
N GLN B 126 8.44 -8.21 -9.43
CA GLN B 126 8.81 -8.78 -10.72
C GLN B 126 9.88 -8.00 -11.46
N TYR B 127 10.72 -8.72 -12.17
CA TYR B 127 11.76 -8.10 -12.98
C TYR B 127 11.77 -8.74 -14.36
N ILE B 128 11.72 -7.89 -15.38
CA ILE B 128 11.78 -8.30 -16.78
C ILE B 128 13.23 -8.43 -17.22
N LYS B 129 13.64 -9.65 -17.56
CA LYS B 129 15.04 -9.92 -17.89
C LYS B 129 15.51 -9.25 -19.18
N PRO B 130 14.64 -9.21 -20.22
CA PRO B 130 14.93 -8.50 -21.47
C PRO B 130 15.41 -7.08 -21.24
N ALA B 131 14.52 -6.21 -20.77
CA ALA B 131 14.85 -4.81 -20.52
C ALA B 131 15.89 -4.60 -19.41
N ALA B 132 16.07 -5.62 -18.58
CA ALA B 132 16.97 -5.54 -17.43
C ALA B 132 18.30 -4.89 -17.75
N LYS B 133 18.49 -3.68 -17.24
CA LYS B 133 19.79 -3.01 -17.31
C LYS B 133 20.51 -3.22 -15.99
N ILE B 134 20.02 -2.57 -14.94
CA ILE B 134 20.47 -2.84 -13.57
C ILE B 134 19.46 -3.75 -12.85
N ILE B 135 19.95 -4.80 -12.22
CA ILE B 135 19.07 -5.81 -11.61
C ILE B 135 18.95 -5.71 -10.08
N PRO B 136 17.71 -5.82 -9.57
CA PRO B 136 17.41 -5.64 -8.14
C PRO B 136 18.04 -6.74 -7.30
N ASP B 137 18.48 -6.39 -6.10
CA ASP B 137 19.09 -7.37 -5.22
C ASP B 137 18.12 -8.52 -4.95
N TYR B 138 16.85 -8.20 -4.78
CA TYR B 138 15.83 -9.21 -4.51
C TYR B 138 14.64 -9.05 -5.44
N TYR B 139 14.01 -10.18 -5.77
CA TYR B 139 12.79 -10.19 -6.56
C TYR B 139 12.03 -11.51 -6.36
N ALA B 140 10.70 -11.43 -6.44
CA ALA B 140 9.89 -12.62 -6.29
C ALA B 140 9.94 -13.50 -7.55
N GLU B 141 9.93 -12.87 -8.70
CA GLU B 141 9.71 -13.64 -9.90
C GLU B 141 10.30 -13.00 -11.16
N GLU B 142 11.13 -13.75 -11.86
CA GLU B 142 11.69 -13.29 -13.13
C GLU B 142 10.66 -13.50 -14.23
N ILE B 143 10.34 -12.43 -14.93
CA ILE B 143 9.45 -12.50 -16.08
C ILE B 143 10.21 -12.78 -17.37
N VAL B 144 9.81 -13.84 -18.06
CA VAL B 144 10.42 -14.24 -19.32
C VAL B 144 9.55 -13.74 -20.48
N SER B 145 8.26 -14.08 -20.43
CA SER B 145 7.28 -13.63 -21.42
C SER B 145 6.84 -12.21 -21.13
N TRP B 146 7.41 -11.24 -21.85
CA TRP B 146 7.02 -9.85 -21.68
C TRP B 146 5.51 -9.70 -21.80
N ALA B 147 4.89 -9.02 -20.84
CA ALA B 147 3.44 -8.78 -20.85
C ALA B 147 3.12 -7.50 -20.14
N TRP B 148 1.87 -7.05 -20.28
CA TRP B 148 1.41 -5.93 -19.47
C TRP B 148 0.70 -6.51 -18.26
N PHE B 149 1.34 -6.37 -17.10
CA PHE B 149 0.78 -6.88 -15.86
C PHE B 149 -0.11 -5.83 -15.22
N MET B 150 -1.36 -6.19 -15.03
CA MET B 150 -2.29 -5.25 -14.42
C MET B 150 -2.44 -5.55 -12.92
N TYR B 151 -1.81 -4.72 -12.10
CA TYR B 151 -1.88 -4.90 -10.65
C TYR B 151 -3.21 -4.39 -10.11
N PRO B 152 -3.66 -4.99 -9.01
CA PRO B 152 -4.94 -4.68 -8.35
C PRO B 152 -5.02 -3.25 -7.84
N TRP B 153 -3.89 -2.58 -7.63
CA TRP B 153 -3.95 -1.17 -7.26
C TRP B 153 -3.97 -0.23 -8.49
N ASN B 154 -3.96 -0.83 -9.69
CA ASN B 154 -4.01 -0.08 -10.95
C ASN B 154 -5.20 -0.42 -11.81
N TYR B 155 -6.17 -1.16 -11.29
CA TYR B 155 -7.26 -1.65 -12.15
C TYR B 155 -7.96 -0.52 -12.88
N TRP B 156 -8.26 0.55 -12.17
CA TRP B 156 -8.90 1.71 -12.77
C TRP B 156 -8.01 2.37 -13.83
N GLU B 157 -6.83 2.80 -13.40
CA GLU B 157 -5.91 3.50 -14.29
C GLU B 157 -5.53 2.67 -15.52
N ASP B 158 -5.20 1.41 -15.31
CA ASP B 158 -4.86 0.54 -16.42
C ASP B 158 -6.04 0.32 -17.41
N GLU B 159 -7.24 0.08 -16.89
CA GLU B 159 -8.40 -0.12 -17.76
C GLU B 159 -8.70 1.17 -18.53
N ILE B 160 -8.60 2.31 -17.88
CA ILE B 160 -8.83 3.58 -18.53
C ILE B 160 -7.91 3.75 -19.74
N ASN B 161 -6.62 3.52 -19.54
CA ASN B 161 -5.64 3.63 -20.63
C ASN B 161 -5.86 2.62 -21.75
N LEU B 162 -6.16 1.38 -21.36
CA LEU B 162 -6.41 0.33 -22.32
C LEU B 162 -7.65 0.62 -23.15
N VAL B 163 -8.65 1.22 -22.52
CA VAL B 163 -9.86 1.60 -23.23
C VAL B 163 -9.58 2.81 -24.12
N ASN B 164 -8.68 3.68 -23.67
CA ASN B 164 -8.32 4.83 -24.49
C ASN B 164 -7.59 4.45 -25.76
N LYS B 165 -6.65 3.52 -25.64
CA LYS B 165 -5.98 2.99 -26.81
C LYS B 165 -6.99 2.47 -27.83
N ILE B 166 -8.10 1.91 -27.34
CA ILE B 166 -9.14 1.44 -28.24
C ILE B 166 -9.93 2.60 -28.83
N LEU B 167 -10.25 3.60 -28.01
CA LEU B 167 -11.04 4.74 -28.49
C LEU B 167 -10.28 5.55 -29.54
N ILE B 168 -8.95 5.56 -29.41
CA ILE B 168 -8.10 6.34 -30.29
C ILE B 168 -7.88 5.71 -31.67
N GLU B 169 -7.57 4.42 -31.70
CA GLU B 169 -7.42 3.69 -32.95
C GLU B 169 -8.76 3.71 -33.71
N ARG B 170 -9.84 3.82 -32.94
CA ARG B 170 -11.21 3.86 -33.46
C ARG B 170 -11.67 5.30 -33.68
N LYS B 171 -10.79 6.10 -34.28
CA LYS B 171 -11.03 7.52 -34.57
C LYS B 171 -12.44 8.10 -34.34
N THR B 172 -12.90 8.12 -33.09
CA THR B 172 -14.10 8.87 -32.70
C THR B 172 -14.08 9.17 -31.21
N LYS B 173 -13.94 8.10 -30.42
CA LYS B 173 -13.96 8.17 -28.96
C LYS B 173 -15.37 8.11 -28.37
N ASP B 174 -16.39 8.20 -29.22
CA ASP B 174 -17.71 7.79 -28.81
C ASP B 174 -17.71 6.30 -29.06
N ILE B 175 -18.42 5.54 -28.23
CA ILE B 175 -18.51 4.10 -28.46
C ILE B 175 -19.64 3.44 -27.68
N ASP B 176 -20.06 2.30 -28.21
CA ASP B 176 -21.12 1.45 -27.71
C ASP B 176 -20.56 0.42 -26.74
N ILE B 177 -21.19 0.27 -25.57
CA ILE B 177 -20.69 -0.58 -24.51
C ILE B 177 -20.39 -2.02 -24.96
N ASN B 178 -21.30 -2.61 -25.74
CA ASN B 178 -21.13 -3.98 -26.24
C ASN B 178 -20.02 -4.14 -27.29
N GLU B 179 -19.75 -3.10 -28.07
CA GLU B 179 -18.61 -3.11 -29.00
C GLU B 179 -17.31 -2.89 -28.23
N LEU B 180 -17.36 -2.07 -27.19
CA LEU B 180 -16.19 -1.91 -26.34
C LEU B 180 -15.78 -3.25 -25.72
N LYS B 181 -16.74 -3.96 -25.14
CA LYS B 181 -16.42 -5.24 -24.49
C LYS B 181 -15.77 -6.20 -25.48
N ARG B 182 -16.27 -6.21 -26.71
CA ARG B 182 -15.69 -7.02 -27.79
C ARG B 182 -14.27 -6.57 -28.14
N ASN B 183 -14.08 -5.27 -28.36
CA ASN B 183 -12.77 -4.74 -28.70
C ASN B 183 -11.78 -5.13 -27.61
N PHE B 184 -12.27 -5.13 -26.37
CA PHE B 184 -11.45 -5.39 -25.21
C PHE B 184 -11.04 -6.85 -25.17
N VAL B 185 -12.03 -7.73 -25.32
CA VAL B 185 -11.75 -9.14 -25.36
C VAL B 185 -10.78 -9.45 -26.51
N GLU B 186 -10.90 -8.66 -27.58
CA GLU B 186 -10.17 -8.90 -28.82
C GLU B 186 -8.72 -8.41 -28.75
N SER B 187 -8.54 -7.17 -28.30
CA SER B 187 -7.21 -6.61 -28.19
C SER B 187 -6.42 -7.20 -27.00
N TYR B 188 -7.10 -7.50 -25.90
CA TYR B 188 -6.40 -7.78 -24.64
C TYR B 188 -6.68 -9.16 -24.01
N GLY B 189 -7.75 -9.81 -24.46
CA GLY B 189 -8.04 -11.16 -24.02
C GLY B 189 -8.81 -11.22 -22.71
N ILE B 190 -9.38 -10.09 -22.31
CA ILE B 190 -10.09 -10.03 -21.04
C ILE B 190 -11.59 -9.92 -21.28
N GLU B 191 -12.32 -10.94 -20.86
CA GLU B 191 -13.76 -10.96 -21.08
C GLU B 191 -14.45 -10.37 -19.87
N ASN B 192 -13.81 -10.52 -18.71
CA ASN B 192 -14.36 -9.97 -17.49
C ASN B 192 -13.33 -9.10 -16.76
N PRO B 193 -13.24 -7.83 -17.17
CA PRO B 193 -12.31 -6.89 -16.54
C PRO B 193 -12.71 -6.70 -15.07
N PRO B 194 -11.72 -6.54 -14.17
CA PRO B 194 -12.00 -6.33 -12.74
C PRO B 194 -12.99 -5.20 -12.51
N ILE B 195 -12.78 -4.06 -13.16
CA ILE B 195 -13.76 -2.96 -13.11
C ILE B 195 -14.62 -3.03 -14.36
N SER B 196 -15.94 -3.04 -14.21
CA SER B 196 -16.81 -3.17 -15.39
C SER B 196 -16.65 -1.94 -16.29
N LEU B 197 -16.60 -2.19 -17.59
CA LEU B 197 -16.26 -1.15 -18.57
C LEU B 197 -17.25 0.01 -18.63
N ASP B 198 -18.45 -0.17 -18.11
CA ASP B 198 -19.36 0.97 -18.03
C ASP B 198 -18.88 1.96 -16.98
N LYS B 199 -18.45 1.46 -15.82
CA LYS B 199 -17.91 2.32 -14.77
C LYS B 199 -16.72 3.09 -15.31
N ILE B 200 -15.87 2.39 -16.04
CA ILE B 200 -14.70 3.02 -16.64
C ILE B 200 -15.01 4.18 -17.60
N LEU B 201 -16.07 4.05 -18.40
CA LEU B 201 -16.49 5.15 -19.28
C LEU B 201 -17.03 6.31 -18.48
N THR B 202 -17.92 6.01 -17.53
CA THR B 202 -18.44 7.04 -16.64
C THR B 202 -17.29 7.88 -16.05
N GLU B 203 -16.20 7.20 -15.67
CA GLU B 203 -15.09 7.87 -15.01
C GLU B 203 -14.17 8.62 -15.99
N MET B 204 -14.00 8.06 -17.18
CA MET B 204 -13.28 8.76 -18.24
C MET B 204 -13.97 10.07 -18.58
N LYS B 205 -15.29 10.09 -18.50
CA LYS B 205 -16.04 11.33 -18.72
C LYS B 205 -15.77 12.31 -17.59
N ARG B 206 -15.99 11.86 -16.35
CA ARG B 206 -15.72 12.68 -15.17
C ARG B 206 -14.35 13.33 -15.27
N ARG B 207 -13.40 12.60 -15.86
CA ARG B 207 -12.03 13.08 -15.94
C ARG B 207 -11.76 13.90 -17.18
N LYS B 208 -12.82 14.20 -17.93
CA LYS B 208 -12.71 14.93 -19.18
C LYS B 208 -11.75 14.26 -20.16
N ILE B 209 -11.66 12.94 -20.10
CA ILE B 209 -10.88 12.19 -21.10
C ILE B 209 -11.76 11.96 -22.32
N VAL B 210 -13.06 11.83 -22.06
CA VAL B 210 -14.10 11.82 -23.10
C VAL B 210 -15.33 12.57 -22.57
P PO4 C . 1.78 2.13 12.34
O1 PO4 C . 1.38 3.59 12.18
O2 PO4 C . 0.83 1.19 11.63
O3 PO4 C . 1.78 1.78 13.82
O4 PO4 C . 3.19 1.92 11.81
P PO4 D . -5.71 6.67 16.55
O1 PO4 D . -5.27 5.73 15.44
O2 PO4 D . -4.82 7.91 16.58
O3 PO4 D . -5.60 5.96 17.89
O4 PO4 D . -7.15 7.10 16.29
P PO4 E . 4.16 5.91 -10.37
O1 PO4 E . 5.60 5.86 -9.88
O2 PO4 E . 3.43 4.58 -10.18
O3 PO4 E . 4.19 6.24 -11.85
O4 PO4 E . 3.41 7.01 -9.66
P PO4 F . 11.67 1.30 -14.55
O1 PO4 F . 10.42 1.16 -13.71
O2 PO4 F . 12.53 2.43 -14.02
O3 PO4 F . 11.29 1.62 -15.99
O4 PO4 F . 12.47 0.00 -14.49
#